data_4NBO
#
_entry.id   4NBO
#
_cell.length_a   85.901
_cell.length_b   85.901
_cell.length_c   100.408
_cell.angle_alpha   90.00
_cell.angle_beta   90.00
_cell.angle_gamma   90.00
#
_symmetry.space_group_name_H-M   'P 43 21 2'
#
_entity_poly.entity_id   1
_entity_poly.type   'polypeptide(L)'
_entity_poly.pdbx_seq_one_letter_code
;MESEAVMEDVLRPLEQALEDCRGHTRKQVCDDISRRLALLQEQWAGGKLSIPVKKRMALLVQELSSHRWDAADDIHRSLM
VDHVTEVSQWMVGVKRLIAEKRSLFSEEAAN
;
_entity_poly.pdbx_strand_id   A,B
#
# COMPACT_ATOMS: atom_id res chain seq x y z
N ALA A 5 9.69 -2.51 4.94
CA ALA A 5 8.47 -3.23 5.29
C ALA A 5 7.80 -2.64 6.54
N VAL A 6 6.82 -1.78 6.32
CA VAL A 6 6.10 -1.15 7.43
C VAL A 6 4.69 -1.70 7.55
N MET A 7 4.16 -1.68 8.77
CA MET A 7 2.84 -2.22 9.06
C MET A 7 1.80 -1.77 8.02
N GLU A 8 1.80 -0.47 7.71
CA GLU A 8 0.82 0.08 6.77
C GLU A 8 0.96 -0.51 5.36
N ASP A 9 2.17 -0.95 5.02
CA ASP A 9 2.42 -1.47 3.67
C ASP A 9 1.57 -2.69 3.34
N VAL A 10 1.15 -3.43 4.35
CA VAL A 10 0.39 -4.65 4.12
C VAL A 10 -1.06 -4.50 4.56
N LEU A 11 -1.29 -3.73 5.61
CA LEU A 11 -2.64 -3.59 6.15
C LEU A 11 -3.51 -2.67 5.30
N ARG A 12 -2.92 -1.65 4.70
CA ARG A 12 -3.69 -0.71 3.87
C ARG A 12 -4.29 -1.40 2.64
N PRO A 13 -3.45 -2.05 1.83
CA PRO A 13 -3.95 -2.76 0.64
C PRO A 13 -5.03 -3.78 1.01
N LEU A 14 -4.93 -4.29 2.23
CA LEU A 14 -5.84 -5.33 2.70
C LEU A 14 -7.20 -4.74 3.01
N GLU A 15 -7.22 -3.74 3.87
CA GLU A 15 -8.47 -3.10 4.24
C GLU A 15 -9.05 -2.35 3.05
N GLN A 16 -8.23 -2.12 2.04
CA GLN A 16 -8.72 -1.63 0.76
C GLN A 16 -9.47 -2.75 0.05
N ALA A 17 -8.89 -3.94 0.07
CA ALA A 17 -9.50 -5.12 -0.52
C ALA A 17 -10.82 -5.42 0.17
N LEU A 18 -10.82 -5.36 1.49
CA LEU A 18 -12.00 -5.69 2.27
C LEU A 18 -13.18 -4.77 1.96
N GLU A 19 -12.88 -3.51 1.69
CA GLU A 19 -13.94 -2.54 1.47
C GLU A 19 -14.50 -2.65 0.06
N ASP A 20 -13.65 -3.08 -0.88
CA ASP A 20 -14.09 -3.31 -2.24
C ASP A 20 -14.99 -4.55 -2.33
N CYS A 21 -15.06 -5.28 -1.23
CA CYS A 21 -15.84 -6.51 -1.17
C CYS A 21 -17.09 -6.33 -0.31
N ARG A 22 -17.19 -5.20 0.38
CA ARG A 22 -18.23 -5.00 1.38
C ARG A 22 -19.65 -5.19 0.85
N GLY A 23 -19.94 -4.60 -0.29
CA GLY A 23 -21.28 -4.66 -0.85
C GLY A 23 -21.59 -5.94 -1.60
N HIS A 24 -20.55 -6.73 -1.88
CA HIS A 24 -20.70 -7.85 -2.80
C HIS A 24 -20.53 -9.21 -2.11
N THR A 25 -19.93 -9.22 -0.93
CA THR A 25 -19.80 -10.44 -0.15
C THR A 25 -20.62 -10.32 1.13
N ARG A 26 -21.07 -11.45 1.66
CA ARG A 26 -21.89 -11.44 2.86
C ARG A 26 -21.27 -10.59 3.95
N LYS A 27 -22.04 -9.63 4.46
CA LYS A 27 -21.58 -8.74 5.52
C LYS A 27 -21.06 -9.57 6.69
N GLN A 28 -21.70 -10.71 6.93
CA GLN A 28 -21.34 -11.58 8.04
C GLN A 28 -19.88 -12.03 7.98
N VAL A 29 -19.38 -12.29 6.77
CA VAL A 29 -18.00 -12.76 6.62
C VAL A 29 -17.05 -11.57 6.49
N CYS A 30 -17.57 -10.46 5.97
CA CYS A 30 -16.78 -9.23 5.88
C CYS A 30 -16.37 -8.79 7.28
N ASP A 31 -17.28 -8.94 8.24
CA ASP A 31 -17.01 -8.57 9.61
C ASP A 31 -15.98 -9.51 10.22
N ASP A 32 -16.12 -10.81 9.93
CA ASP A 32 -15.16 -11.79 10.41
C ASP A 32 -13.75 -11.34 9.99
N ILE A 33 -13.60 -11.07 8.70
CA ILE A 33 -12.30 -10.66 8.14
C ILE A 33 -11.79 -9.42 8.83
N SER A 34 -12.66 -8.45 9.04
CA SER A 34 -12.28 -7.20 9.69
C SER A 34 -11.71 -7.46 11.08
N ARG A 35 -12.32 -8.39 11.81
CA ARG A 35 -11.89 -8.69 13.17
C ARG A 35 -10.52 -9.37 13.19
N ARG A 36 -10.26 -10.20 12.19
CA ARG A 36 -8.97 -10.89 12.11
C ARG A 36 -7.89 -9.94 11.61
N LEU A 37 -8.30 -8.98 10.78
CA LEU A 37 -7.40 -7.94 10.30
C LEU A 37 -6.92 -7.08 11.46
N ALA A 38 -7.78 -6.93 12.47
CA ALA A 38 -7.45 -6.12 13.64
C ALA A 38 -6.38 -6.80 14.48
N LEU A 39 -6.48 -8.12 14.57
CA LEU A 39 -5.50 -8.89 15.32
C LEU A 39 -4.14 -8.80 14.65
N LEU A 40 -4.15 -8.91 13.33
CA LEU A 40 -2.93 -8.76 12.55
C LEU A 40 -2.22 -7.48 12.94
N GLN A 41 -2.96 -6.37 12.95
CA GLN A 41 -2.40 -5.08 13.33
C GLN A 41 -1.95 -5.10 14.78
N GLU A 42 -2.87 -5.46 15.67
CA GLU A 42 -2.56 -5.54 17.10
C GLU A 42 -1.33 -6.41 17.33
N GLN A 43 -1.26 -7.54 16.63
CA GLN A 43 -0.19 -8.50 16.79
C GLN A 43 1.10 -7.98 16.16
N TRP A 44 0.96 -7.22 15.08
CA TRP A 44 2.11 -6.62 14.42
C TRP A 44 2.73 -5.57 15.31
N ALA A 45 1.93 -4.58 15.71
CA ALA A 45 2.39 -3.48 16.54
C ALA A 45 2.82 -3.99 17.92
N GLY A 46 2.18 -5.05 18.38
CA GLY A 46 2.50 -5.64 19.67
C GLY A 46 3.92 -6.15 19.73
N GLY A 47 4.49 -6.43 18.56
CA GLY A 47 5.85 -6.94 18.48
C GLY A 47 5.89 -8.46 18.55
N LYS A 48 4.76 -9.08 18.28
CA LYS A 48 4.65 -10.54 18.36
C LYS A 48 4.80 -11.15 16.97
N LEU A 49 5.39 -10.39 16.05
CA LEU A 49 5.48 -10.82 14.66
C LEU A 49 6.94 -10.86 14.20
N SER A 50 7.33 -11.96 13.57
CA SER A 50 8.70 -12.13 13.12
C SER A 50 8.90 -11.47 11.77
N ILE A 51 10.14 -11.10 11.48
CA ILE A 51 10.45 -10.34 10.30
C ILE A 51 10.17 -11.11 9.01
N PRO A 52 10.53 -12.40 8.98
CA PRO A 52 10.29 -13.21 7.78
C PRO A 52 8.83 -13.22 7.31
N VAL A 53 7.89 -13.17 8.25
CA VAL A 53 6.48 -13.22 7.87
C VAL A 53 6.02 -11.83 7.45
N LYS A 54 6.62 -10.81 8.06
CA LYS A 54 6.36 -9.43 7.65
C LYS A 54 6.79 -9.26 6.21
N LYS A 55 7.94 -9.84 5.87
CA LYS A 55 8.47 -9.77 4.51
C LYS A 55 7.53 -10.44 3.52
N ARG A 56 7.06 -11.64 3.87
CA ARG A 56 6.23 -12.42 2.97
C ARG A 56 4.82 -11.85 2.86
N MET A 57 4.32 -11.27 3.94
CA MET A 57 3.01 -10.61 3.90
C MET A 57 3.07 -9.44 2.93
N ALA A 58 4.17 -8.70 2.96
CA ALA A 58 4.39 -7.62 2.01
C ALA A 58 4.28 -8.18 0.60
N LEU A 59 5.03 -9.24 0.33
CA LEU A 59 4.98 -9.88 -0.99
C LEU A 59 3.56 -10.30 -1.34
N LEU A 60 2.94 -11.05 -0.43
CA LEU A 60 1.58 -11.50 -0.62
C LEU A 60 0.70 -10.34 -1.04
N VAL A 61 0.83 -9.22 -0.34
CA VAL A 61 -0.01 -8.05 -0.58
C VAL A 61 0.22 -7.42 -1.96
N GLN A 62 1.46 -7.44 -2.42
CA GLN A 62 1.79 -6.92 -3.74
C GLN A 62 1.18 -7.78 -4.84
N GLU A 63 1.02 -9.08 -4.56
CA GLU A 63 0.53 -10.02 -5.56
C GLU A 63 -0.90 -9.75 -5.99
N LEU A 64 -1.71 -9.14 -5.13
CA LEU A 64 -3.10 -8.91 -5.47
C LEU A 64 -3.33 -7.44 -5.81
N SER A 65 -2.30 -6.63 -5.64
CA SER A 65 -2.26 -5.33 -6.29
C SER A 65 -2.08 -5.60 -7.78
N SER A 66 -1.37 -6.68 -8.09
CA SER A 66 -1.18 -7.13 -9.47
C SER A 66 -2.28 -8.11 -9.89
N HIS A 67 -3.19 -8.41 -8.96
CA HIS A 67 -4.31 -9.32 -9.24
C HIS A 67 -3.82 -10.72 -9.60
N ARG A 68 -2.62 -11.05 -9.12
CA ARG A 68 -2.07 -12.39 -9.27
C ARG A 68 -2.49 -13.25 -8.08
N TRP A 69 -3.72 -13.75 -8.15
CA TRP A 69 -4.35 -14.43 -7.01
C TRP A 69 -3.61 -15.69 -6.60
N ASP A 70 -3.31 -16.55 -7.58
CA ASP A 70 -2.69 -17.84 -7.28
C ASP A 70 -1.32 -17.68 -6.62
N ALA A 71 -0.59 -16.65 -7.03
CA ALA A 71 0.70 -16.36 -6.41
C ALA A 71 0.51 -15.97 -4.96
N ALA A 72 -0.56 -15.22 -4.69
CA ALA A 72 -0.88 -14.80 -3.33
C ALA A 72 -1.26 -16.02 -2.48
N ASP A 73 -1.95 -16.98 -3.08
CA ASP A 73 -2.32 -18.20 -2.39
C ASP A 73 -1.09 -19.00 -2.00
N ASP A 74 -0.17 -19.15 -2.95
CA ASP A 74 1.04 -19.94 -2.72
C ASP A 74 1.91 -19.35 -1.61
N ILE A 75 1.95 -18.02 -1.53
CA ILE A 75 2.69 -17.34 -0.48
C ILE A 75 2.00 -17.58 0.86
N HIS A 76 0.69 -17.43 0.87
CA HIS A 76 -0.11 -17.69 2.07
C HIS A 76 0.09 -19.13 2.55
N ARG A 77 0.15 -20.06 1.59
CA ARG A 77 0.37 -21.46 1.91
C ARG A 77 1.75 -21.68 2.52
N SER A 78 2.75 -21.04 1.91
CA SER A 78 4.12 -21.10 2.43
C SER A 78 4.16 -20.63 3.88
N LEU A 79 3.46 -19.55 4.16
CA LEU A 79 3.43 -18.99 5.51
C LEU A 79 2.77 -19.94 6.50
N MET A 80 1.76 -20.68 6.05
CA MET A 80 1.05 -21.59 6.92
C MET A 80 1.94 -22.74 7.39
N VAL A 81 2.66 -23.35 6.45
CA VAL A 81 3.47 -24.52 6.78
C VAL A 81 4.74 -24.16 7.56
N ASP A 82 5.23 -22.94 7.38
CA ASP A 82 6.49 -22.53 8.00
C ASP A 82 6.28 -21.69 9.26
N HIS A 83 5.19 -20.94 9.31
CA HIS A 83 4.94 -20.03 10.43
C HIS A 83 3.51 -20.11 10.94
N VAL A 84 2.98 -21.33 11.07
CA VAL A 84 1.61 -21.50 11.54
C VAL A 84 1.41 -20.79 12.88
N THR A 85 2.40 -20.91 13.75
CA THR A 85 2.36 -20.32 15.07
C THR A 85 1.85 -18.89 15.08
N GLU A 86 2.53 -18.02 14.33
CA GLU A 86 2.32 -16.58 14.44
C GLU A 86 1.26 -16.04 13.48
N VAL A 87 0.62 -16.93 12.71
CA VAL A 87 -0.39 -16.50 11.75
C VAL A 87 -1.73 -17.23 11.90
N SER A 88 -1.75 -18.32 12.63
CA SER A 88 -2.95 -19.14 12.76
C SER A 88 -4.17 -18.32 13.18
N GLN A 89 -3.94 -17.25 13.93
CA GLN A 89 -5.04 -16.47 14.49
C GLN A 89 -5.78 -15.65 13.43
N TRP A 90 -5.05 -15.15 12.43
CA TRP A 90 -5.64 -14.24 11.45
C TRP A 90 -5.46 -14.67 9.99
N MET A 91 -4.60 -15.65 9.73
CA MET A 91 -4.29 -16.00 8.35
C MET A 91 -5.53 -16.40 7.56
N VAL A 92 -6.38 -17.24 8.17
CA VAL A 92 -7.62 -17.65 7.53
C VAL A 92 -8.38 -16.44 7.00
N GLY A 93 -8.30 -15.33 7.73
CA GLY A 93 -8.98 -14.11 7.33
C GLY A 93 -8.50 -13.58 6.00
N VAL A 94 -7.21 -13.68 5.74
CA VAL A 94 -6.64 -13.10 4.52
C VAL A 94 -6.80 -14.09 3.37
N LYS A 95 -6.80 -15.38 3.70
CA LYS A 95 -7.07 -16.40 2.71
C LYS A 95 -8.45 -16.17 2.12
N ARG A 96 -9.44 -15.97 2.98
CA ARG A 96 -10.79 -15.70 2.54
C ARG A 96 -10.85 -14.42 1.72
N LEU A 97 -10.09 -13.42 2.16
CA LEU A 97 -10.11 -12.12 1.50
C LEU A 97 -9.62 -12.23 0.06
N ILE A 98 -8.61 -13.07 -0.17
CA ILE A 98 -8.10 -13.29 -1.51
C ILE A 98 -9.17 -13.90 -2.41
N ALA A 99 -9.84 -14.92 -1.87
CA ALA A 99 -10.89 -15.61 -2.62
C ALA A 99 -12.05 -14.66 -2.94
N GLU A 100 -12.51 -13.94 -1.93
CA GLU A 100 -13.63 -13.02 -2.08
C GLU A 100 -13.38 -11.99 -3.17
N LYS A 101 -12.14 -11.56 -3.27
CA LYS A 101 -11.80 -10.44 -4.13
C LYS A 101 -11.50 -10.91 -5.55
N ARG A 102 -11.00 -12.14 -5.68
CA ARG A 102 -10.74 -12.71 -6.99
C ARG A 102 -12.07 -12.98 -7.70
N SER A 103 -13.09 -13.30 -6.91
CA SER A 103 -14.43 -13.54 -7.45
C SER A 103 -15.07 -12.25 -7.94
N LEU A 104 -14.54 -11.12 -7.49
CA LEU A 104 -15.04 -9.83 -7.92
C LEU A 104 -14.54 -9.49 -9.31
N PHE A 105 -13.42 -10.10 -9.71
CA PHE A 105 -12.82 -9.87 -11.01
C PHE A 105 -13.54 -10.64 -12.08
N SER A 106 -14.14 -11.77 -11.69
CA SER A 106 -14.95 -12.81 -12.26
C SER A 106 -16.28 -12.22 -12.71
N ALA B 5 6.19 21.57 -16.84
CA ALA B 5 6.36 20.58 -15.79
C ALA B 5 7.09 21.19 -14.59
N VAL B 6 6.42 22.13 -13.92
CA VAL B 6 6.98 22.76 -12.73
C VAL B 6 6.96 21.83 -11.53
N MET B 7 8.11 21.68 -10.88
CA MET B 7 8.24 20.78 -9.74
C MET B 7 7.20 21.08 -8.68
N GLU B 8 7.02 22.35 -8.36
CA GLU B 8 6.12 22.76 -7.29
C GLU B 8 4.70 22.24 -7.51
N ASP B 9 4.25 22.26 -8.76
CA ASP B 9 2.90 21.83 -9.08
C ASP B 9 2.68 20.36 -8.75
N VAL B 10 3.78 19.62 -8.56
CA VAL B 10 3.72 18.23 -8.18
C VAL B 10 4.04 18.05 -6.70
N LEU B 11 5.13 18.65 -6.27
CA LEU B 11 5.62 18.49 -4.89
C LEU B 11 4.61 19.01 -3.86
N ARG B 12 4.10 20.21 -4.08
CA ARG B 12 3.26 20.86 -3.08
C ARG B 12 1.99 20.05 -2.80
N PRO B 13 1.25 19.67 -3.84
CA PRO B 13 0.07 18.82 -3.60
C PRO B 13 0.41 17.59 -2.77
N LEU B 14 1.59 17.01 -3.00
CA LEU B 14 2.03 15.85 -2.24
C LEU B 14 2.26 16.21 -0.78
N GLU B 15 2.90 17.34 -0.54
CA GLU B 15 3.16 17.80 0.81
C GLU B 15 1.86 18.14 1.52
N GLN B 16 0.92 18.75 0.80
CA GLN B 16 -0.38 19.08 1.35
C GLN B 16 -1.09 17.81 1.79
N ALA B 17 -1.08 16.81 0.91
CA ALA B 17 -1.69 15.53 1.21
C ALA B 17 -1.08 14.94 2.47
N LEU B 18 0.24 15.01 2.58
CA LEU B 18 0.94 14.52 3.75
C LEU B 18 0.46 15.23 5.01
N GLU B 19 0.34 16.54 4.93
CA GLU B 19 -0.06 17.35 6.07
C GLU B 19 -1.44 16.94 6.56
N ASP B 20 -2.33 16.59 5.64
CA ASP B 20 -3.69 16.20 5.98
C ASP B 20 -3.74 14.86 6.71
N CYS B 21 -2.66 14.09 6.59
CA CYS B 21 -2.59 12.77 7.20
C CYS B 21 -1.92 12.82 8.57
N ARG B 22 -1.38 13.98 8.92
CA ARG B 22 -0.52 14.11 10.09
C ARG B 22 -1.14 13.54 11.38
N GLY B 23 -2.31 14.02 11.76
CA GLY B 23 -2.93 13.56 12.99
C GLY B 23 -3.71 12.26 12.82
N HIS B 24 -3.47 11.59 11.70
CA HIS B 24 -4.17 10.35 11.38
C HIS B 24 -3.24 9.16 11.40
N THR B 25 -2.25 9.21 10.52
CA THR B 25 -1.31 8.12 10.41
C THR B 25 -0.22 8.30 11.44
N ARG B 26 0.43 7.20 11.80
CA ARG B 26 1.50 7.24 12.79
C ARG B 26 2.57 8.25 12.38
N LYS B 27 3.20 8.88 13.36
CA LYS B 27 4.18 9.93 13.08
C LYS B 27 5.38 9.40 12.31
N GLN B 28 5.93 8.27 12.77
CA GLN B 28 7.11 7.69 12.13
C GLN B 28 6.89 7.48 10.64
N VAL B 29 5.66 7.16 10.25
CA VAL B 29 5.32 6.99 8.84
C VAL B 29 5.29 8.35 8.14
N CYS B 30 4.67 9.34 8.77
CA CYS B 30 4.67 10.69 8.23
C CYS B 30 6.10 11.17 8.03
N ASP B 31 6.90 11.04 9.08
CA ASP B 31 8.29 11.48 9.04
C ASP B 31 9.03 10.77 7.91
N ASP B 32 8.82 9.47 7.80
CA ASP B 32 9.45 8.69 6.74
C ASP B 32 9.07 9.27 5.38
N ILE B 33 7.77 9.47 5.15
CA ILE B 33 7.29 9.99 3.88
C ILE B 33 7.85 11.39 3.65
N SER B 34 7.97 12.14 4.74
CA SER B 34 8.50 13.50 4.66
C SER B 34 9.94 13.47 4.13
N ARG B 35 10.73 12.51 4.61
CA ARG B 35 12.11 12.37 4.17
C ARG B 35 12.20 11.97 2.70
N ARG B 36 11.22 11.21 2.23
CA ARG B 36 11.21 10.74 0.85
C ARG B 36 10.86 11.90 -0.07
N LEU B 37 9.81 12.64 0.29
CA LEU B 37 9.39 13.81 -0.47
C LEU B 37 10.53 14.81 -0.61
N ALA B 38 11.37 14.90 0.42
CA ALA B 38 12.54 15.77 0.37
C ALA B 38 13.50 15.31 -0.72
N LEU B 39 13.80 14.02 -0.72
CA LEU B 39 14.65 13.43 -1.75
C LEU B 39 14.07 13.70 -3.13
N LEU B 40 12.75 13.59 -3.25
CA LEU B 40 12.08 13.83 -4.52
C LEU B 40 12.38 15.23 -5.06
N GLN B 41 12.19 16.24 -4.23
CA GLN B 41 12.42 17.62 -4.69
C GLN B 41 13.92 17.89 -4.83
N GLU B 42 14.72 17.28 -3.96
CA GLU B 42 16.16 17.43 -4.02
C GLU B 42 16.68 16.91 -5.36
N GLN B 43 16.07 15.82 -5.84
CA GLN B 43 16.45 15.22 -7.11
C GLN B 43 15.88 16.00 -8.28
N TRP B 44 14.59 16.27 -8.24
CA TRP B 44 13.92 17.02 -9.30
C TRP B 44 14.63 18.36 -9.50
N ALA B 45 14.74 19.13 -8.42
CA ALA B 45 15.40 20.43 -8.46
C ALA B 45 16.84 20.31 -8.95
N GLY B 46 17.48 19.20 -8.63
CA GLY B 46 18.85 18.96 -9.03
C GLY B 46 18.99 18.50 -10.47
N GLY B 47 17.85 18.30 -11.13
CA GLY B 47 17.85 17.88 -12.53
C GLY B 47 18.24 16.43 -12.71
N LYS B 48 18.00 15.61 -11.69
CA LYS B 48 18.34 14.19 -11.76
C LYS B 48 17.16 13.34 -12.20
N LEU B 49 16.09 14.00 -12.66
CA LEU B 49 14.88 13.30 -13.07
C LEU B 49 14.64 13.46 -14.57
N SER B 50 14.31 12.36 -15.23
CA SER B 50 14.04 12.37 -16.67
C SER B 50 12.65 12.89 -16.97
N ILE B 51 12.40 13.24 -18.22
CA ILE B 51 11.11 13.81 -18.63
C ILE B 51 9.95 12.85 -18.40
N PRO B 52 10.08 11.61 -18.90
CA PRO B 52 8.99 10.62 -18.77
C PRO B 52 8.42 10.54 -17.37
N VAL B 53 9.25 10.74 -16.35
CA VAL B 53 8.80 10.53 -14.99
C VAL B 53 8.23 11.82 -14.43
N LYS B 54 8.87 12.94 -14.72
CA LYS B 54 8.31 14.24 -14.39
C LYS B 54 6.86 14.29 -14.84
N LYS B 55 6.63 13.89 -16.07
CA LYS B 55 5.30 13.86 -16.63
C LYS B 55 4.44 12.82 -15.94
N ARG B 56 4.97 11.61 -15.82
CA ARG B 56 4.26 10.51 -15.20
C ARG B 56 3.86 10.87 -13.76
N MET B 57 4.70 11.65 -13.09
CA MET B 57 4.44 12.07 -11.72
C MET B 57 3.34 13.13 -11.67
N ALA B 58 3.37 14.06 -12.63
CA ALA B 58 2.34 15.07 -12.72
C ALA B 58 0.98 14.38 -12.85
N LEU B 59 0.92 13.38 -13.72
CA LEU B 59 -0.30 12.62 -13.93
C LEU B 59 -0.75 11.96 -12.63
N LEU B 60 0.20 11.33 -11.95
CA LEU B 60 -0.07 10.67 -10.67
C LEU B 60 -0.72 11.66 -9.69
N VAL B 61 -0.14 12.85 -9.60
CA VAL B 61 -0.62 13.86 -8.66
C VAL B 61 -2.07 14.26 -8.95
N GLN B 62 -2.39 14.49 -10.21
CA GLN B 62 -3.75 14.83 -10.58
C GLN B 62 -4.67 13.67 -10.29
N GLU B 63 -4.28 12.49 -10.80
CA GLU B 63 -5.04 11.28 -10.55
C GLU B 63 -5.37 11.14 -9.07
N LEU B 64 -4.48 11.66 -8.23
CA LEU B 64 -4.65 11.59 -6.78
C LEU B 64 -5.61 12.66 -6.29
N SER B 65 -5.47 13.86 -6.83
CA SER B 65 -6.37 14.96 -6.48
C SER B 65 -7.83 14.59 -6.72
N SER B 66 -8.07 13.70 -7.67
CA SER B 66 -9.43 13.36 -8.05
C SER B 66 -9.92 12.06 -7.40
N HIS B 67 -9.15 11.55 -6.44
CA HIS B 67 -9.55 10.39 -5.65
C HIS B 67 -9.50 9.09 -6.44
N ARG B 68 -8.84 9.12 -7.59
CA ARG B 68 -8.66 7.92 -8.38
C ARG B 68 -7.43 7.18 -7.87
N TRP B 69 -7.59 6.54 -6.72
CA TRP B 69 -6.47 5.96 -5.99
C TRP B 69 -5.78 4.87 -6.77
N ASP B 70 -6.56 3.93 -7.30
CA ASP B 70 -6.01 2.83 -8.08
C ASP B 70 -5.19 3.36 -9.25
N ALA B 71 -5.72 4.37 -9.93
CA ALA B 71 -5.05 4.96 -11.08
C ALA B 71 -3.73 5.61 -10.67
N ALA B 72 -3.70 6.18 -9.47
CA ALA B 72 -2.49 6.81 -8.94
C ALA B 72 -1.45 5.76 -8.58
N ASP B 73 -1.91 4.66 -7.99
CA ASP B 73 -1.01 3.60 -7.56
C ASP B 73 -0.42 2.87 -8.76
N ASP B 74 -1.21 2.71 -9.81
CA ASP B 74 -0.74 2.03 -11.02
C ASP B 74 0.45 2.78 -11.61
N ILE B 75 0.30 4.08 -11.74
CA ILE B 75 1.37 4.94 -12.24
C ILE B 75 2.63 4.74 -11.40
N HIS B 76 2.42 4.56 -10.10
CA HIS B 76 3.52 4.35 -9.17
C HIS B 76 4.24 3.04 -9.45
N ARG B 77 3.46 1.99 -9.68
CA ARG B 77 4.02 0.68 -9.94
C ARG B 77 4.71 0.62 -11.31
N SER B 78 4.18 1.39 -12.26
CA SER B 78 4.74 1.41 -13.60
C SER B 78 6.12 2.04 -13.60
N LEU B 79 6.27 3.15 -12.89
CA LEU B 79 7.58 3.80 -12.76
C LEU B 79 8.57 2.86 -12.08
N MET B 80 8.07 2.02 -11.17
CA MET B 80 8.88 1.02 -10.49
C MET B 80 9.16 -0.21 -11.34
N VAL B 81 8.79 -0.15 -12.61
CA VAL B 81 9.17 -1.21 -13.54
C VAL B 81 10.17 -0.67 -14.55
N ASP B 82 9.90 0.51 -15.12
CA ASP B 82 10.79 1.07 -16.13
C ASP B 82 11.83 2.02 -15.53
N HIS B 83 11.38 3.02 -14.78
CA HIS B 83 12.29 4.01 -14.21
C HIS B 83 12.69 3.71 -12.78
N VAL B 84 13.19 2.49 -12.55
CA VAL B 84 13.43 2.06 -11.18
C VAL B 84 14.58 2.85 -10.56
N THR B 85 15.60 3.10 -11.36
CA THR B 85 16.80 3.71 -10.83
C THR B 85 16.55 5.19 -10.54
N GLU B 86 15.36 5.67 -10.91
CA GLU B 86 15.02 7.07 -10.71
C GLU B 86 14.01 7.27 -9.59
N VAL B 87 13.17 6.26 -9.37
CA VAL B 87 12.18 6.31 -8.31
C VAL B 87 12.36 5.13 -7.36
N SER B 88 13.59 4.68 -7.15
CA SER B 88 13.80 3.55 -6.25
C SER B 88 14.45 4.02 -4.96
N GLN B 89 13.96 5.15 -4.46
CA GLN B 89 14.54 5.74 -3.26
C GLN B 89 13.50 6.55 -2.49
N TRP B 90 12.72 7.33 -3.22
CA TRP B 90 11.67 8.12 -2.61
C TRP B 90 10.27 7.67 -3.03
N MET B 91 10.20 6.66 -3.88
CA MET B 91 8.93 6.21 -4.44
C MET B 91 8.06 5.52 -3.40
N VAL B 92 8.69 4.72 -2.56
CA VAL B 92 7.97 4.03 -1.50
C VAL B 92 7.25 5.06 -0.63
N GLY B 93 7.77 6.27 -0.63
CA GLY B 93 7.17 7.37 0.13
C GLY B 93 5.84 7.82 -0.44
N VAL B 94 5.77 7.94 -1.76
CA VAL B 94 4.56 8.45 -2.38
C VAL B 94 3.54 7.32 -2.40
N LYS B 95 4.04 6.11 -2.55
CA LYS B 95 3.21 4.92 -2.46
C LYS B 95 2.47 4.90 -1.13
N ARG B 96 3.23 4.96 -0.04
CA ARG B 96 2.64 4.99 1.28
C ARG B 96 1.70 6.18 1.44
N LEU B 97 2.09 7.32 0.86
CA LEU B 97 1.29 8.53 0.93
C LEU B 97 -0.08 8.31 0.29
N ILE B 98 -0.10 7.67 -0.87
CA ILE B 98 -1.34 7.38 -1.57
C ILE B 98 -2.26 6.55 -0.69
N ALA B 99 -1.68 5.51 -0.08
CA ALA B 99 -2.44 4.60 0.77
C ALA B 99 -3.03 5.33 1.98
N GLU B 100 -2.23 6.16 2.62
CA GLU B 100 -2.69 6.91 3.79
C GLU B 100 -3.81 7.88 3.40
N LYS B 101 -3.59 8.65 2.34
CA LYS B 101 -4.59 9.60 1.86
C LYS B 101 -5.89 8.90 1.52
N ARG B 102 -5.79 7.66 1.06
CA ARG B 102 -6.97 6.87 0.69
C ARG B 102 -7.73 6.38 1.92
N SER B 103 -7.00 6.03 2.97
CA SER B 103 -7.61 5.51 4.19
C SER B 103 -8.37 6.60 4.95
N LEU B 104 -8.32 7.82 4.45
CA LEU B 104 -8.91 8.96 5.14
C LEU B 104 -10.42 9.01 4.96
N PHE B 105 -10.95 8.08 4.18
CA PHE B 105 -12.36 8.11 3.85
C PHE B 105 -13.13 6.94 4.47
N SER B 106 -12.41 5.89 4.85
CA SER B 106 -12.92 4.88 5.77
C SER B 106 -11.80 3.96 6.20
#